data_1SPG
#
_entry.id   1SPG
#
_cell.length_a   89.600
_cell.length_b   75.600
_cell.length_c   69.700
_cell.angle_alpha   90.00
_cell.angle_beta   141.90
_cell.angle_gamma   90.00
#
_symmetry.space_group_name_H-M   'C 1 2 1'
#
loop_
_entity.id
_entity.type
_entity.pdbx_description
1 polymer HEMOGLOBIN
2 polymer HEMOGLOBIN
3 non-polymer 'PROTOPORPHYRIN IX CONTAINING FE'
4 non-polymer 'CARBON MONOXIDE'
5 water water
#
loop_
_entity_poly.entity_id
_entity_poly.type
_entity_poly.pdbx_seq_one_letter_code
_entity_poly.pdbx_strand_id
1 'polypeptide(L)'
;(ACE)SLSATDKARVKALWDKIEGKSAELGAEALGRMLVSFPQTKIYFSEWGQDLGPQTPQVRNHGAVIMAAVGKAVKSI
DNLVGGLSQLSELHAFKLRVDPANFKILAHNIILVISMYFPGDFTPEVHLSVDKFLACLALALSEKYR
;
A
2 'polypeptide(L)'
;VDWTDAERAAIKALWGKIDVGEIGPQALSRLLIVYPWTQRHFKGFGNISTNAAILGNAKVAEHGKTVMGGLDRAVQNMDN
IKNVYKQLSIKHSEKIHVDPDNFRLLGEIITMCVGAKFGPSAFTPEIHEAWQKFLAVVVSALGRQYH
;
B
#
# COMPACT_ATOMS: atom_id res chain seq x y z
N SER A 2 -15.77 11.41 2.29
CA SER A 2 -15.75 12.05 3.60
C SER A 2 -15.66 11.04 4.74
N LEU A 3 -14.96 11.42 5.79
CA LEU A 3 -14.80 10.59 6.97
C LEU A 3 -16.13 10.66 7.74
N SER A 4 -16.59 9.51 8.22
CA SER A 4 -17.83 9.45 8.99
C SER A 4 -17.37 9.54 10.42
N ALA A 5 -18.27 9.72 11.37
CA ALA A 5 -17.85 9.83 12.77
C ALA A 5 -17.21 8.55 13.21
N THR A 6 -17.71 7.44 12.66
CA THR A 6 -17.18 6.11 12.92
C THR A 6 -15.71 6.07 12.48
N ASP A 7 -15.46 6.55 11.27
CA ASP A 7 -14.14 6.60 10.69
C ASP A 7 -13.20 7.36 11.60
N LYS A 8 -13.67 8.51 12.08
CA LYS A 8 -12.86 9.33 12.96
C LYS A 8 -12.56 8.58 14.23
N ALA A 9 -13.57 7.92 14.78
CA ALA A 9 -13.41 7.16 16.01
C ALA A 9 -12.38 6.05 15.85
N ARG A 10 -12.29 5.46 14.66
CA ARG A 10 -11.34 4.38 14.44
C ARG A 10 -9.93 4.90 14.29
N VAL A 11 -9.78 6.03 13.60
CA VAL A 11 -8.48 6.63 13.43
C VAL A 11 -7.96 7.08 14.77
N LYS A 12 -8.84 7.60 15.63
CA LYS A 12 -8.45 8.07 16.94
C LYS A 12 -7.94 6.95 17.81
N ALA A 13 -8.62 5.80 17.81
CA ALA A 13 -8.18 4.65 18.61
C ALA A 13 -6.80 4.16 18.11
N LEU A 14 -6.63 4.05 16.79
CA LEU A 14 -5.34 3.62 16.24
C LEU A 14 -4.23 4.58 16.65
N TRP A 15 -4.37 5.85 16.28
CA TRP A 15 -3.36 6.86 16.59
C TRP A 15 -2.91 6.89 18.05
N ASP A 16 -3.86 6.89 18.97
CA ASP A 16 -3.56 6.87 20.41
C ASP A 16 -2.69 5.66 20.74
N LYS A 17 -2.97 4.57 20.03
CA LYS A 17 -2.25 3.33 20.24
C LYS A 17 -0.84 3.32 19.67
N ILE A 18 -0.67 3.93 18.50
CA ILE A 18 0.63 3.93 17.81
C ILE A 18 1.49 5.13 18.11
N GLU A 19 0.91 6.15 18.73
CA GLU A 19 1.66 7.35 19.07
C GLU A 19 2.95 7.00 19.77
N GLY A 20 3.88 7.97 19.82
CA GLY A 20 5.18 7.75 20.44
C GLY A 20 6.07 7.06 19.42
N LYS A 21 5.64 5.86 19.02
CA LYS A 21 6.33 5.06 18.02
C LYS A 21 6.22 5.73 16.65
N SER A 22 5.45 6.80 16.57
CA SER A 22 5.27 7.52 15.33
C SER A 22 6.63 7.87 14.74
N ALA A 23 7.50 8.46 15.56
CA ALA A 23 8.85 8.84 15.13
C ALA A 23 9.60 7.75 14.34
N GLU A 24 9.48 6.50 14.76
CA GLU A 24 10.16 5.40 14.07
C GLU A 24 9.32 4.97 12.87
N LEU A 25 8.00 5.09 12.99
CA LEU A 25 7.08 4.74 11.91
C LEU A 25 7.28 5.72 10.75
N GLY A 26 7.39 7.01 11.05
CA GLY A 26 7.61 8.01 10.02
C GLY A 26 8.98 7.85 9.38
N ALA A 27 10.01 7.56 10.18
CA ALA A 27 11.36 7.35 9.65
C ALA A 27 11.28 6.20 8.66
N GLU A 28 10.58 5.14 9.07
CA GLU A 28 10.38 3.94 8.27
C GLU A 28 9.61 4.24 7.00
N ALA A 29 8.46 4.90 7.15
CA ALA A 29 7.59 5.24 6.03
C ALA A 29 8.31 6.06 4.95
N LEU A 30 8.91 7.17 5.37
CA LEU A 30 9.65 8.03 4.46
C LEU A 30 10.83 7.24 3.91
N GLY A 31 11.55 6.55 4.80
CA GLY A 31 12.71 5.79 4.38
C GLY A 31 12.36 4.75 3.34
N ARG A 32 11.16 4.19 3.42
CA ARG A 32 10.77 3.17 2.47
C ARG A 32 10.29 3.69 1.13
N MET A 33 9.69 4.88 1.12
CA MET A 33 9.18 5.49 -0.10
C MET A 33 10.32 5.89 -1.06
N LEU A 34 11.35 6.50 -0.48
CA LEU A 34 12.53 6.94 -1.21
C LEU A 34 13.23 5.75 -1.86
N VAL A 35 13.36 4.67 -1.09
CA VAL A 35 14.01 3.45 -1.56
C VAL A 35 13.16 2.62 -2.51
N SER A 36 11.87 2.47 -2.22
CA SER A 36 11.01 1.65 -3.06
C SER A 36 10.37 2.37 -4.23
N PHE A 37 10.26 3.69 -4.15
CA PHE A 37 9.67 4.47 -5.24
C PHE A 37 10.64 5.63 -5.47
N PRO A 38 11.79 5.34 -6.11
CA PRO A 38 12.85 6.30 -6.40
C PRO A 38 12.40 7.59 -7.09
N GLN A 39 11.23 7.57 -7.73
CA GLN A 39 10.73 8.78 -8.39
C GLN A 39 10.49 9.93 -7.40
N THR A 40 10.33 9.57 -6.13
CA THR A 40 10.05 10.53 -5.06
C THR A 40 11.32 11.25 -4.56
N LYS A 41 12.47 10.62 -4.76
CA LYS A 41 13.77 11.16 -4.35
C LYS A 41 14.05 12.51 -4.99
N ILE A 42 13.40 12.80 -6.11
CA ILE A 42 13.62 14.06 -6.80
C ILE A 42 13.24 15.26 -5.95
N TYR A 43 12.37 15.04 -4.96
CA TYR A 43 11.93 16.12 -4.08
C TYR A 43 12.88 16.31 -2.89
N PHE A 44 13.84 15.39 -2.74
CA PHE A 44 14.76 15.47 -1.62
C PHE A 44 16.23 15.46 -2.02
N SER A 45 16.53 15.90 -3.25
CA SER A 45 17.92 15.93 -3.74
C SER A 45 18.92 16.85 -3.00
N GLU A 46 18.41 17.77 -2.18
CA GLU A 46 19.23 18.66 -1.37
C GLU A 46 19.85 17.90 -0.22
N TRP A 47 19.18 16.83 0.24
CA TRP A 47 19.65 16.02 1.35
C TRP A 47 20.89 15.23 0.93
N GLY A 48 21.71 14.96 1.92
CA GLY A 48 22.95 14.27 1.71
C GLY A 48 23.11 12.80 1.44
N GLN A 49 23.61 12.05 2.45
CA GLN A 49 23.93 10.59 2.39
C GLN A 49 22.91 9.86 1.52
N ASP A 50 23.16 8.80 0.74
CA ASP A 50 21.93 8.38 0.04
C ASP A 50 20.76 7.71 0.77
N LEU A 51 19.65 8.48 0.73
CA LEU A 51 18.34 8.29 1.26
C LEU A 51 17.69 6.89 1.46
N GLY A 52 17.71 6.53 2.74
CA GLY A 52 17.22 5.29 3.29
C GLY A 52 16.88 5.70 4.72
N PRO A 53 16.42 4.76 5.59
CA PRO A 53 16.05 4.99 6.99
C PRO A 53 17.24 5.33 7.88
N GLN A 54 18.41 4.93 7.42
CA GLN A 54 19.68 5.12 8.12
C GLN A 54 20.22 6.57 8.05
N THR A 55 19.83 7.34 7.04
CA THR A 55 20.33 8.70 6.93
C THR A 55 19.60 9.52 7.98
N PRO A 56 20.29 10.49 8.61
CA PRO A 56 19.70 11.34 9.65
C PRO A 56 18.58 12.23 9.17
N GLN A 57 18.78 12.91 8.04
CA GLN A 57 17.79 13.83 7.50
C GLN A 57 16.44 13.18 7.37
N VAL A 58 16.44 11.98 6.82
CA VAL A 58 15.20 11.24 6.62
C VAL A 58 14.61 10.77 7.95
N ARG A 59 15.44 10.21 8.82
CA ARG A 59 14.94 9.73 10.11
C ARG A 59 14.35 10.87 10.93
N ASN A 60 14.88 12.08 10.77
CA ASN A 60 14.35 13.23 11.49
C ASN A 60 13.12 13.76 10.79
N HIS A 61 13.11 13.74 9.47
CA HIS A 61 11.94 14.20 8.74
C HIS A 61 10.80 13.19 8.92
N GLY A 62 11.17 11.97 9.33
CA GLY A 62 10.20 10.92 9.59
C GLY A 62 9.28 11.30 10.73
N ALA A 63 9.90 11.71 11.84
CA ALA A 63 9.16 12.16 13.02
C ALA A 63 8.36 13.39 12.63
N VAL A 64 8.91 14.19 11.71
CA VAL A 64 8.23 15.40 11.26
C VAL A 64 6.89 15.12 10.58
N ILE A 65 6.88 14.24 9.60
CA ILE A 65 5.63 13.92 8.93
C ILE A 65 4.62 13.37 9.92
N MET A 66 5.05 12.37 10.70
CA MET A 66 4.16 11.73 11.67
C MET A 66 3.62 12.69 12.71
N ALA A 67 4.33 13.80 12.93
CA ALA A 67 3.89 14.80 13.89
C ALA A 67 2.75 15.56 13.23
N ALA A 68 2.94 15.87 11.96
CA ALA A 68 1.92 16.60 11.23
C ALA A 68 0.67 15.70 11.12
N VAL A 69 0.90 14.41 10.91
CA VAL A 69 -0.20 13.46 10.81
C VAL A 69 -0.89 13.32 12.17
N GLY A 70 -0.11 13.34 13.25
CA GLY A 70 -0.70 13.28 14.56
C GLY A 70 -1.57 14.51 14.75
N LYS A 71 -1.13 15.63 14.21
CA LYS A 71 -1.87 16.87 14.32
C LYS A 71 -3.11 16.84 13.44
N ALA A 72 -3.04 16.16 12.31
CA ALA A 72 -4.21 16.09 11.43
C ALA A 72 -5.30 15.32 12.14
N VAL A 73 -4.91 14.25 12.83
CA VAL A 73 -5.85 13.42 13.58
C VAL A 73 -6.56 14.27 14.62
N LYS A 74 -5.79 15.16 15.26
CA LYS A 74 -6.33 16.05 16.29
C LYS A 74 -7.29 17.09 15.72
N SER A 75 -7.23 17.35 14.42
CA SER A 75 -8.16 18.29 13.79
C SER A 75 -8.91 17.54 12.68
N ILE A 76 -9.22 16.29 12.95
CA ILE A 76 -9.92 15.43 12.01
C ILE A 76 -11.24 16.00 11.49
N ASP A 77 -11.78 16.99 12.20
CA ASP A 77 -13.05 17.60 11.81
C ASP A 77 -12.89 18.74 10.81
N ASN A 78 -11.65 19.12 10.50
CA ASN A 78 -11.37 20.21 9.57
C ASN A 78 -9.91 20.13 9.11
N LEU A 79 -9.61 19.11 8.32
CA LEU A 79 -8.28 18.91 7.80
C LEU A 79 -7.92 20.07 6.88
N VAL A 80 -8.91 20.57 6.15
CA VAL A 80 -8.66 21.66 5.21
C VAL A 80 -8.09 22.83 5.98
N GLY A 81 -8.88 23.38 6.90
CA GLY A 81 -8.43 24.51 7.67
C GLY A 81 -7.16 24.24 8.45
N GLY A 82 -7.08 23.08 9.08
CA GLY A 82 -5.89 22.76 9.85
C GLY A 82 -4.66 22.39 9.05
N LEU A 83 -4.83 22.24 7.74
CA LEU A 83 -3.70 21.86 6.91
C LEU A 83 -3.33 22.85 5.81
N SER A 84 -3.98 24.03 5.76
CA SER A 84 -3.69 25.01 4.71
C SER A 84 -2.22 25.44 4.56
N GLN A 85 -1.45 25.42 5.63
CA GLN A 85 -0.05 25.82 5.50
C GLN A 85 0.82 24.73 4.91
N LEU A 86 0.48 23.47 5.19
CA LEU A 86 1.24 22.36 4.62
C LEU A 86 0.90 22.28 3.13
N SER A 87 -0.34 22.63 2.80
CA SER A 87 -0.83 22.64 1.43
C SER A 87 -0.15 23.74 0.64
N GLU A 88 -0.06 24.93 1.19
CA GLU A 88 0.61 26.01 0.49
C GLU A 88 2.06 25.63 0.26
N LEU A 89 2.67 24.98 1.24
CA LEU A 89 4.05 24.54 1.13
C LEU A 89 4.21 23.46 0.03
N HIS A 90 3.37 22.43 0.10
CA HIS A 90 3.42 21.31 -0.85
C HIS A 90 2.88 21.58 -2.24
N ALA A 91 1.65 22.09 -2.29
CA ALA A 91 0.99 22.36 -3.56
C ALA A 91 1.42 23.61 -4.24
N PHE A 92 1.81 24.60 -3.47
CA PHE A 92 2.23 25.85 -4.05
C PHE A 92 3.74 26.08 -4.10
N LYS A 93 4.40 25.98 -2.96
CA LYS A 93 5.84 26.21 -2.88
C LYS A 93 6.69 25.14 -3.56
N LEU A 94 6.53 23.88 -3.16
CA LEU A 94 7.30 22.77 -3.71
C LEU A 94 6.76 22.15 -4.99
N ARG A 95 5.49 22.38 -5.26
CA ARG A 95 4.86 21.83 -6.45
C ARG A 95 4.94 20.31 -6.52
N VAL A 96 4.61 19.65 -5.41
CA VAL A 96 4.64 18.19 -5.35
C VAL A 96 3.56 17.58 -6.24
N ASP A 97 3.90 16.55 -7.00
CA ASP A 97 2.92 15.89 -7.87
C ASP A 97 1.94 15.15 -6.96
N PRO A 98 0.62 15.43 -7.10
CA PRO A 98 -0.40 14.76 -6.26
C PRO A 98 -0.28 13.25 -6.21
N ALA A 99 0.12 12.69 -7.34
CA ALA A 99 0.27 11.26 -7.47
C ALA A 99 1.18 10.61 -6.43
N ASN A 100 2.01 11.42 -5.79
CA ASN A 100 2.93 10.90 -4.78
C ASN A 100 2.30 10.76 -3.42
N PHE A 101 1.21 11.47 -3.16
CA PHE A 101 0.56 11.36 -1.86
C PHE A 101 0.14 9.92 -1.62
N LYS A 102 -0.24 9.24 -2.71
CA LYS A 102 -0.66 7.84 -2.65
C LYS A 102 0.49 6.96 -2.22
N ILE A 103 1.67 7.29 -2.70
CA ILE A 103 2.84 6.51 -2.38
C ILE A 103 3.17 6.60 -0.92
N LEU A 104 3.22 7.80 -0.36
CA LEU A 104 3.55 7.94 1.06
C LEU A 104 2.52 7.23 1.94
N ALA A 105 1.25 7.43 1.62
CA ALA A 105 0.15 6.82 2.35
C ALA A 105 0.34 5.32 2.46
N HIS A 106 0.62 4.69 1.33
CA HIS A 106 0.84 3.25 1.25
C HIS A 106 1.96 2.79 2.17
N ASN A 107 3.07 3.49 2.10
CA ASN A 107 4.23 3.16 2.92
C ASN A 107 3.93 3.37 4.40
N ILE A 108 3.05 4.33 4.71
CA ILE A 108 2.64 4.58 6.09
C ILE A 108 1.75 3.40 6.55
N ILE A 109 0.69 3.10 5.80
CA ILE A 109 -0.20 2.00 6.19
C ILE A 109 0.61 0.72 6.29
N LEU A 110 1.59 0.56 5.41
CA LEU A 110 2.43 -0.62 5.40
C LEU A 110 3.18 -0.72 6.71
N VAL A 111 3.73 0.40 7.17
CA VAL A 111 4.49 0.45 8.41
C VAL A 111 3.60 0.15 9.62
N ILE A 112 2.42 0.76 9.63
CA ILE A 112 1.47 0.55 10.70
C ILE A 112 1.12 -0.92 10.83
N SER A 113 0.68 -1.53 9.73
CA SER A 113 0.32 -2.94 9.76
C SER A 113 1.51 -3.77 10.17
N MET A 114 2.69 -3.29 9.78
CA MET A 114 3.94 -3.96 10.07
C MET A 114 4.32 -3.84 11.55
N TYR A 115 3.83 -2.80 12.22
CA TYR A 115 4.15 -2.60 13.63
C TYR A 115 3.05 -3.02 14.61
N PHE A 116 1.80 -2.76 14.23
CA PHE A 116 0.63 -3.07 15.02
C PHE A 116 -0.31 -3.87 14.14
N PRO A 117 0.10 -5.08 13.74
CA PRO A 117 -0.67 -5.99 12.88
C PRO A 117 -1.98 -6.45 13.49
N GLY A 118 -1.94 -6.80 14.77
CA GLY A 118 -3.14 -7.24 15.45
C GLY A 118 -4.18 -6.14 15.52
N ASP A 119 -3.73 -4.89 15.53
CA ASP A 119 -4.65 -3.78 15.62
C ASP A 119 -5.09 -3.17 14.28
N PHE A 120 -4.44 -3.54 13.18
CA PHE A 120 -4.78 -3.00 11.86
C PHE A 120 -5.77 -3.91 11.11
N THR A 121 -6.88 -4.21 11.77
CA THR A 121 -7.88 -5.08 11.22
C THR A 121 -8.50 -4.48 9.97
N PRO A 122 -9.23 -5.29 9.19
CA PRO A 122 -9.88 -4.85 7.96
C PRO A 122 -10.68 -3.56 8.07
N GLU A 123 -11.43 -3.41 9.16
CA GLU A 123 -12.24 -2.20 9.33
C GLU A 123 -11.39 -0.98 9.58
N VAL A 124 -10.29 -1.15 10.32
CA VAL A 124 -9.39 -0.04 10.62
C VAL A 124 -8.71 0.40 9.34
N HIS A 125 -8.20 -0.58 8.59
CA HIS A 125 -7.51 -0.37 7.31
C HIS A 125 -8.37 0.48 6.39
N LEU A 126 -9.67 0.25 6.42
CA LEU A 126 -10.59 1.05 5.61
C LEU A 126 -10.58 2.54 6.02
N SER A 127 -10.77 2.80 7.32
CA SER A 127 -10.85 4.16 7.85
C SER A 127 -9.56 4.94 7.71
N VAL A 128 -8.45 4.31 8.08
CA VAL A 128 -7.12 4.89 8.00
C VAL A 128 -6.76 5.19 6.53
N ASP A 129 -7.26 4.39 5.62
CA ASP A 129 -7.02 4.63 4.22
C ASP A 129 -7.89 5.84 3.80
N LYS A 130 -9.12 5.90 4.30
CA LYS A 130 -10.03 7.01 3.98
C LYS A 130 -9.49 8.32 4.53
N PHE A 131 -8.89 8.26 5.70
CA PHE A 131 -8.32 9.43 6.35
C PHE A 131 -7.13 9.95 5.57
N LEU A 132 -6.19 9.06 5.24
CA LEU A 132 -5.01 9.45 4.47
C LEU A 132 -5.41 10.04 3.14
N ALA A 133 -6.47 9.50 2.54
CA ALA A 133 -6.98 9.99 1.27
C ALA A 133 -7.55 11.41 1.45
N CYS A 134 -8.22 11.63 2.58
CA CYS A 134 -8.78 12.93 2.92
C CYS A 134 -7.65 13.91 3.21
N LEU A 135 -6.59 13.43 3.86
CA LEU A 135 -5.42 14.25 4.14
C LEU A 135 -4.82 14.79 2.84
N ALA A 136 -4.56 13.92 1.87
CA ALA A 136 -4.02 14.33 0.58
C ALA A 136 -4.93 15.36 -0.08
N LEU A 137 -6.24 15.18 0.08
CA LEU A 137 -7.21 16.13 -0.46
C LEU A 137 -7.06 17.51 0.12
N ALA A 138 -6.79 17.57 1.42
CA ALA A 138 -6.60 18.83 2.12
C ALA A 138 -5.31 19.49 1.66
N LEU A 139 -4.27 18.69 1.44
CA LEU A 139 -2.97 19.17 0.98
C LEU A 139 -2.99 19.58 -0.49
N SER A 140 -3.91 19.03 -1.28
CA SER A 140 -4.02 19.39 -2.69
C SER A 140 -4.86 20.63 -2.87
N GLU A 141 -5.30 21.19 -1.76
CA GLU A 141 -6.13 22.37 -1.76
C GLU A 141 -5.55 23.61 -2.48
N LYS A 142 -4.25 23.85 -2.32
CA LYS A 142 -3.63 25.02 -2.93
C LYS A 142 -2.99 24.85 -4.30
N TYR A 143 -3.31 23.76 -4.99
CA TYR A 143 -2.74 23.52 -6.30
C TYR A 143 -3.25 24.51 -7.32
N ARG A 144 -4.56 24.60 -7.38
CA ARG A 144 -5.24 25.46 -8.32
C ARG A 144 -6.56 25.89 -7.71
N VAL B 1 12.85 -8.61 -17.12
CA VAL B 1 13.73 -7.48 -17.48
C VAL B 1 14.96 -7.64 -16.58
N ASP B 2 15.70 -6.57 -16.35
CA ASP B 2 16.89 -6.70 -15.54
C ASP B 2 16.76 -7.00 -14.06
N TRP B 3 16.87 -8.30 -13.74
CA TRP B 3 16.81 -8.78 -12.36
C TRP B 3 18.26 -9.12 -11.98
N THR B 4 18.64 -8.78 -10.76
CA THR B 4 19.97 -9.10 -10.28
C THR B 4 19.83 -10.33 -9.38
N ASP B 5 20.96 -10.95 -9.05
CA ASP B 5 20.91 -12.11 -8.18
C ASP B 5 20.36 -11.63 -6.85
N ALA B 6 20.78 -10.46 -6.39
CA ALA B 6 20.31 -9.95 -5.11
C ALA B 6 18.79 -9.87 -5.09
N GLU B 7 18.19 -9.43 -6.20
CA GLU B 7 16.74 -9.28 -6.35
C GLU B 7 16.02 -10.63 -6.43
N ARG B 8 16.52 -11.52 -7.26
CA ARG B 8 15.91 -12.84 -7.40
C ARG B 8 15.98 -13.47 -6.03
N ALA B 9 17.14 -13.39 -5.38
CA ALA B 9 17.31 -13.97 -4.07
C ALA B 9 16.27 -13.48 -3.07
N ALA B 10 16.23 -12.18 -2.82
CA ALA B 10 15.26 -11.61 -1.88
C ALA B 10 13.83 -12.03 -2.20
N ILE B 11 13.43 -11.90 -3.46
CA ILE B 11 12.09 -12.29 -3.90
C ILE B 11 11.82 -13.79 -3.69
N LYS B 12 12.69 -14.64 -4.23
CA LYS B 12 12.52 -16.08 -4.09
C LYS B 12 12.45 -16.46 -2.61
N ALA B 13 13.38 -15.89 -1.83
CA ALA B 13 13.45 -16.15 -0.40
C ALA B 13 12.18 -15.77 0.33
N LEU B 14 11.54 -14.69 -0.13
CA LEU B 14 10.31 -14.20 0.48
C LEU B 14 9.09 -15.04 0.04
N TRP B 15 9.03 -15.39 -1.23
CA TRP B 15 7.93 -16.20 -1.73
C TRP B 15 8.00 -17.56 -1.02
N GLY B 16 9.22 -17.98 -0.69
CA GLY B 16 9.43 -19.24 0.00
C GLY B 16 9.01 -19.30 1.47
N LYS B 17 8.75 -18.14 2.08
CA LYS B 17 8.34 -18.11 3.50
C LYS B 17 6.84 -18.03 3.54
N ILE B 18 6.31 -17.30 2.57
CA ILE B 18 4.88 -17.09 2.43
C ILE B 18 4.08 -18.38 2.27
N ASP B 19 2.98 -18.44 2.99
CA ASP B 19 2.03 -19.55 2.95
C ASP B 19 0.88 -19.01 2.08
N VAL B 20 0.82 -19.43 0.80
CA VAL B 20 -0.19 -18.90 -0.11
C VAL B 20 -1.63 -18.95 0.36
N GLY B 21 -2.03 -20.08 0.92
CA GLY B 21 -3.40 -20.25 1.38
C GLY B 21 -3.79 -19.39 2.56
N GLU B 22 -2.82 -18.71 3.15
CA GLU B 22 -3.12 -17.85 4.29
C GLU B 22 -3.10 -16.36 3.92
N ILE B 23 -2.12 -15.96 3.12
CA ILE B 23 -1.99 -14.56 2.69
C ILE B 23 -2.98 -14.27 1.60
N GLY B 24 -3.17 -15.23 0.69
CA GLY B 24 -4.11 -15.07 -0.42
C GLY B 24 -5.51 -14.68 0.04
N PRO B 25 -6.18 -15.54 0.81
CA PRO B 25 -7.52 -15.29 1.33
C PRO B 25 -7.63 -13.92 2.00
N GLN B 26 -6.72 -13.62 2.91
CA GLN B 26 -6.69 -12.34 3.63
C GLN B 26 -6.59 -11.15 2.66
N ALA B 27 -5.69 -11.25 1.69
CA ALA B 27 -5.50 -10.19 0.70
C ALA B 27 -6.75 -9.95 -0.14
N LEU B 28 -7.25 -10.99 -0.80
CA LEU B 28 -8.44 -10.86 -1.62
C LEU B 28 -9.60 -10.37 -0.77
N SER B 29 -9.69 -10.83 0.49
CA SER B 29 -10.74 -10.39 1.39
C SER B 29 -10.63 -8.88 1.65
N ARG B 30 -9.43 -8.38 1.93
CA ARG B 30 -9.26 -6.96 2.18
C ARG B 30 -9.60 -6.13 0.99
N LEU B 31 -9.23 -6.62 -0.20
CA LEU B 31 -9.53 -5.87 -1.40
C LEU B 31 -11.02 -5.57 -1.44
N LEU B 32 -11.80 -6.62 -1.26
CA LEU B 32 -13.24 -6.54 -1.30
C LEU B 32 -13.79 -5.64 -0.21
N ILE B 33 -13.20 -5.71 0.98
CA ILE B 33 -13.66 -4.88 2.10
C ILE B 33 -13.25 -3.42 1.97
N VAL B 34 -11.95 -3.16 1.95
CA VAL B 34 -11.40 -1.81 1.86
C VAL B 34 -11.79 -1.06 0.60
N TYR B 35 -11.83 -1.75 -0.54
CA TYR B 35 -12.21 -1.10 -1.80
C TYR B 35 -13.40 -1.85 -2.34
N PRO B 36 -14.59 -1.65 -1.74
CA PRO B 36 -15.82 -2.34 -2.16
C PRO B 36 -16.30 -2.29 -3.60
N TRP B 37 -15.83 -1.37 -4.42
CA TRP B 37 -16.28 -1.39 -5.82
C TRP B 37 -15.70 -2.60 -6.57
N THR B 38 -14.73 -3.28 -5.96
CA THR B 38 -14.13 -4.47 -6.59
C THR B 38 -15.04 -5.71 -6.49
N GLN B 39 -16.08 -5.58 -5.67
CA GLN B 39 -17.05 -6.64 -5.45
C GLN B 39 -17.85 -6.95 -6.71
N ARG B 40 -18.01 -5.95 -7.57
CA ARG B 40 -18.77 -6.12 -8.81
C ARG B 40 -18.22 -7.18 -9.73
N HIS B 41 -16.94 -7.50 -9.57
CA HIS B 41 -16.29 -8.48 -10.41
C HIS B 41 -16.45 -9.89 -9.92
N PHE B 42 -16.76 -10.06 -8.64
CA PHE B 42 -16.89 -11.39 -8.08
C PHE B 42 -18.34 -11.73 -7.71
N LYS B 43 -19.28 -11.32 -8.56
CA LYS B 43 -20.69 -11.57 -8.29
C LYS B 43 -21.02 -13.06 -8.15
N GLY B 44 -20.14 -13.90 -8.72
CA GLY B 44 -20.33 -15.34 -8.63
C GLY B 44 -19.81 -15.98 -7.33
N PHE B 45 -19.47 -15.18 -6.33
CA PHE B 45 -18.96 -15.71 -5.07
C PHE B 45 -20.05 -15.86 -4.05
N GLY B 46 -21.24 -15.39 -4.39
CA GLY B 46 -22.34 -15.48 -3.45
C GLY B 46 -22.30 -14.37 -2.41
N ASN B 47 -22.62 -14.71 -1.17
CA ASN B 47 -22.68 -13.75 -0.07
C ASN B 47 -21.36 -13.09 0.38
N ILE B 48 -21.21 -11.81 0.01
CA ILE B 48 -20.04 -10.99 0.36
C ILE B 48 -20.55 -9.57 0.66
N SER B 49 -21.83 -9.49 1.03
CA SER B 49 -22.51 -8.24 1.31
C SER B 49 -22.08 -7.52 2.57
N THR B 50 -21.50 -8.26 3.52
CA THR B 50 -21.01 -7.66 4.76
C THR B 50 -19.58 -8.11 4.93
N ASN B 51 -18.85 -7.46 5.81
CA ASN B 51 -17.46 -7.79 6.03
C ASN B 51 -17.26 -9.17 6.65
N ALA B 52 -18.19 -9.61 7.49
CA ALA B 52 -18.08 -10.94 8.08
C ALA B 52 -18.50 -11.97 7.03
N ALA B 53 -19.42 -11.57 6.13
CA ALA B 53 -19.87 -12.47 5.08
C ALA B 53 -18.64 -12.80 4.30
N ILE B 54 -17.92 -11.74 3.96
CA ILE B 54 -16.69 -11.83 3.18
C ILE B 54 -15.62 -12.65 3.85
N LEU B 55 -15.27 -12.29 5.07
CA LEU B 55 -14.24 -12.98 5.82
C LEU B 55 -14.53 -14.49 6.01
N GLY B 56 -15.81 -14.87 5.94
CA GLY B 56 -16.16 -16.27 6.11
C GLY B 56 -16.44 -17.10 4.85
N ASN B 57 -16.81 -16.42 3.78
CA ASN B 57 -17.12 -17.03 2.49
C ASN B 57 -15.96 -17.86 1.95
N ALA B 58 -16.15 -19.18 1.83
CA ALA B 58 -15.10 -20.06 1.36
C ALA B 58 -14.74 -19.85 -0.09
N LYS B 59 -15.66 -19.31 -0.88
CA LYS B 59 -15.34 -19.07 -2.27
C LYS B 59 -14.28 -17.98 -2.42
N VAL B 60 -14.32 -17.00 -1.51
CA VAL B 60 -13.38 -15.87 -1.46
C VAL B 60 -12.01 -16.41 -1.05
N ALA B 61 -11.98 -17.29 -0.05
CA ALA B 61 -10.73 -17.91 0.39
C ALA B 61 -10.11 -18.74 -0.73
N GLU B 62 -10.95 -19.45 -1.46
CA GLU B 62 -10.48 -20.29 -2.54
C GLU B 62 -9.87 -19.42 -3.62
N HIS B 63 -10.58 -18.37 -4.00
CA HIS B 63 -10.04 -17.52 -5.04
C HIS B 63 -8.79 -16.77 -4.63
N GLY B 64 -8.67 -16.43 -3.35
CA GLY B 64 -7.49 -15.74 -2.89
C GLY B 64 -6.29 -16.64 -3.14
N LYS B 65 -6.47 -17.95 -2.99
CA LYS B 65 -5.39 -18.91 -3.22
C LYS B 65 -5.04 -19.02 -4.67
N THR B 66 -6.02 -18.86 -5.55
CA THR B 66 -5.78 -18.90 -6.98
C THR B 66 -4.92 -17.69 -7.40
N VAL B 67 -5.12 -16.56 -6.71
CA VAL B 67 -4.35 -15.36 -7.01
C VAL B 67 -2.89 -15.54 -6.64
N MET B 68 -2.65 -16.19 -5.50
CA MET B 68 -1.28 -16.46 -5.05
C MET B 68 -0.59 -17.49 -5.95
N GLY B 69 -1.38 -18.37 -6.55
CA GLY B 69 -0.83 -19.34 -7.48
C GLY B 69 -0.47 -18.62 -8.76
N GLY B 70 -1.26 -17.61 -9.10
CA GLY B 70 -0.99 -16.80 -10.28
C GLY B 70 0.30 -16.00 -10.13
N LEU B 71 0.61 -15.62 -8.88
CA LEU B 71 1.83 -14.88 -8.58
C LEU B 71 3.02 -15.81 -8.58
N ASP B 72 2.77 -17.06 -8.19
CA ASP B 72 3.81 -18.05 -8.17
C ASP B 72 4.27 -18.29 -9.58
N ARG B 73 3.37 -18.19 -10.54
CA ARG B 73 3.68 -18.39 -11.94
C ARG B 73 4.75 -17.39 -12.41
N ALA B 74 4.72 -16.19 -11.85
CA ALA B 74 5.68 -15.13 -12.17
C ALA B 74 6.98 -15.32 -11.40
N VAL B 75 6.91 -15.65 -10.11
CA VAL B 75 8.12 -15.88 -9.31
C VAL B 75 8.90 -17.02 -9.93
N GLN B 76 8.20 -17.89 -10.65
CA GLN B 76 8.81 -19.05 -11.31
C GLN B 76 9.35 -18.73 -12.68
N ASN B 77 8.82 -17.66 -13.27
CA ASN B 77 9.25 -17.23 -14.59
C ASN B 77 9.53 -15.73 -14.60
N MET B 78 10.38 -15.30 -13.67
CA MET B 78 10.76 -13.89 -13.50
C MET B 78 11.34 -13.18 -14.70
N ASP B 79 11.79 -13.93 -15.71
CA ASP B 79 12.38 -13.28 -16.89
C ASP B 79 11.51 -13.39 -18.11
N ASN B 80 10.25 -13.79 -17.91
CA ASN B 80 9.34 -13.90 -19.04
C ASN B 80 7.91 -13.58 -18.61
N ILE B 81 7.82 -13.02 -17.39
CA ILE B 81 6.59 -12.59 -16.74
C ILE B 81 5.53 -12.15 -17.72
N LYS B 82 5.91 -11.23 -18.59
CA LYS B 82 4.98 -10.66 -19.53
C LYS B 82 4.39 -11.69 -20.45
N ASN B 83 5.24 -12.55 -20.98
CA ASN B 83 4.74 -13.59 -21.86
C ASN B 83 3.97 -14.68 -21.13
N VAL B 84 4.38 -15.01 -19.91
CA VAL B 84 3.68 -16.06 -19.17
C VAL B 84 2.39 -15.55 -18.60
N TYR B 85 2.21 -14.24 -18.60
CA TYR B 85 0.98 -13.65 -18.12
C TYR B 85 0.11 -13.34 -19.34
N LYS B 86 0.42 -13.95 -20.46
CA LYS B 86 -0.35 -13.71 -21.68
C LYS B 86 -1.85 -13.94 -21.49
N GLN B 87 -2.21 -14.97 -20.75
CA GLN B 87 -3.61 -15.27 -20.52
C GLN B 87 -4.29 -14.39 -19.50
N LEU B 88 -3.62 -14.15 -18.39
CA LEU B 88 -4.16 -13.31 -17.31
C LEU B 88 -4.36 -11.88 -17.77
N SER B 89 -3.54 -11.40 -18.70
CA SER B 89 -3.72 -10.05 -19.21
C SER B 89 -5.07 -9.99 -19.90
N ILE B 90 -5.21 -10.81 -20.94
CA ILE B 90 -6.43 -10.93 -21.74
C ILE B 90 -7.70 -11.06 -20.87
N LYS B 91 -7.71 -12.03 -19.97
CA LYS B 91 -8.86 -12.23 -19.10
C LYS B 91 -9.23 -10.91 -18.40
N HIS B 92 -8.40 -10.49 -17.46
CA HIS B 92 -8.61 -9.26 -16.69
C HIS B 92 -8.80 -7.95 -17.47
N SER B 93 -8.06 -7.77 -18.55
CA SER B 93 -8.11 -6.54 -19.30
C SER B 93 -8.80 -6.53 -20.64
N GLU B 94 -9.15 -7.69 -21.17
CA GLU B 94 -9.82 -7.70 -22.45
C GLU B 94 -11.21 -8.28 -22.32
N LYS B 95 -11.38 -9.16 -21.34
CA LYS B 95 -12.68 -9.79 -21.11
C LYS B 95 -13.44 -9.20 -19.91
N ILE B 96 -12.83 -9.22 -18.73
CA ILE B 96 -13.45 -8.71 -17.51
C ILE B 96 -13.41 -7.18 -17.43
N HIS B 97 -12.32 -6.58 -17.90
CA HIS B 97 -12.13 -5.13 -17.86
C HIS B 97 -11.98 -4.53 -16.47
N VAL B 98 -11.03 -5.04 -15.68
CA VAL B 98 -10.73 -4.53 -14.34
C VAL B 98 -9.91 -3.28 -14.57
N ASP B 99 -10.29 -2.13 -14.03
CA ASP B 99 -9.47 -0.95 -14.26
C ASP B 99 -8.06 -1.24 -13.73
N PRO B 100 -7.03 -0.94 -14.54
CA PRO B 100 -5.62 -1.17 -14.19
C PRO B 100 -5.26 -0.84 -12.76
N ASP B 101 -5.66 0.32 -12.30
CA ASP B 101 -5.33 0.73 -10.96
C ASP B 101 -5.74 -0.26 -9.85
N ASN B 102 -6.66 -1.17 -10.14
CA ASN B 102 -7.07 -2.13 -9.13
C ASN B 102 -5.96 -3.16 -8.89
N PHE B 103 -5.16 -3.42 -9.92
CA PHE B 103 -4.02 -4.36 -9.85
C PHE B 103 -3.04 -3.85 -8.82
N ARG B 104 -2.84 -2.55 -8.84
CA ARG B 104 -1.96 -1.84 -7.93
C ARG B 104 -2.52 -1.98 -6.53
N LEU B 105 -3.82 -1.76 -6.40
CA LEU B 105 -4.48 -1.86 -5.09
C LEU B 105 -4.31 -3.25 -4.49
N LEU B 106 -4.58 -4.30 -5.25
CA LEU B 106 -4.37 -5.62 -4.69
C LEU B 106 -2.88 -5.86 -4.45
N GLY B 107 -2.02 -5.33 -5.33
CA GLY B 107 -0.59 -5.47 -5.11
C GLY B 107 -0.19 -4.86 -3.78
N GLU B 108 -0.75 -3.70 -3.46
CA GLU B 108 -0.47 -3.02 -2.20
C GLU B 108 -1.00 -3.80 -0.98
N ILE B 109 -2.22 -4.34 -1.10
CA ILE B 109 -2.82 -5.08 0.00
C ILE B 109 -2.04 -6.33 0.32
N ILE B 110 -1.55 -7.02 -0.70
CA ILE B 110 -0.76 -8.23 -0.46
C ILE B 110 0.51 -7.83 0.28
N THR B 111 1.19 -6.79 -0.21
CA THR B 111 2.43 -6.32 0.40
C THR B 111 2.19 -5.98 1.86
N MET B 112 1.09 -5.33 2.10
CA MET B 112 0.73 -4.97 3.44
C MET B 112 0.51 -6.26 4.24
N CYS B 113 -0.22 -7.23 3.69
CA CYS B 113 -0.46 -8.49 4.39
C CYS B 113 0.83 -9.26 4.62
N VAL B 114 1.77 -9.14 3.68
CA VAL B 114 3.06 -9.80 3.77
C VAL B 114 3.77 -9.13 4.91
N GLY B 115 3.56 -7.82 5.02
CA GLY B 115 4.19 -7.04 6.04
C GLY B 115 3.74 -7.38 7.44
N ALA B 116 2.42 -7.45 7.62
CA ALA B 116 1.85 -7.76 8.93
C ALA B 116 2.16 -9.17 9.40
N LYS B 117 2.54 -10.03 8.47
CA LYS B 117 2.86 -11.41 8.80
C LYS B 117 4.30 -11.59 9.28
N PHE B 118 5.24 -11.04 8.53
CA PHE B 118 6.63 -11.20 8.86
C PHE B 118 7.34 -10.17 9.70
N GLY B 119 6.86 -8.93 9.67
CA GLY B 119 7.49 -7.89 10.46
C GLY B 119 8.59 -7.13 9.73
N PRO B 120 9.09 -6.05 10.34
CA PRO B 120 10.15 -5.17 9.81
C PRO B 120 11.57 -5.76 9.72
N SER B 121 11.76 -6.94 10.31
CA SER B 121 13.05 -7.63 10.36
C SER B 121 13.27 -8.74 9.34
N ALA B 122 12.23 -8.98 8.55
CA ALA B 122 12.28 -9.95 7.48
C ALA B 122 11.87 -9.12 6.28
N PHE B 123 10.82 -8.31 6.44
CA PHE B 123 10.37 -7.44 5.37
C PHE B 123 11.09 -6.10 5.58
N THR B 124 12.38 -6.11 5.26
CA THR B 124 13.29 -4.97 5.42
C THR B 124 13.18 -3.99 4.25
N PRO B 125 13.77 -2.79 4.37
CA PRO B 125 13.66 -1.87 3.24
C PRO B 125 14.22 -2.49 1.97
N GLU B 126 15.27 -3.29 2.14
CA GLU B 126 15.95 -3.96 1.05
C GLU B 126 15.07 -4.99 0.34
N ILE B 127 14.36 -5.79 1.12
CA ILE B 127 13.47 -6.81 0.57
C ILE B 127 12.29 -6.08 -0.06
N HIS B 128 11.66 -5.23 0.74
CA HIS B 128 10.51 -4.43 0.35
C HIS B 128 10.78 -3.82 -1.01
N GLU B 129 12.02 -3.44 -1.24
CA GLU B 129 12.42 -2.84 -2.50
C GLU B 129 12.39 -3.83 -3.69
N ALA B 130 12.99 -5.00 -3.54
CA ALA B 130 13.00 -6.01 -4.60
C ALA B 130 11.57 -6.45 -4.89
N TRP B 131 10.81 -6.62 -3.81
CA TRP B 131 9.41 -7.05 -3.86
C TRP B 131 8.56 -6.06 -4.65
N GLN B 132 8.75 -4.78 -4.38
CA GLN B 132 7.99 -3.76 -5.09
C GLN B 132 8.30 -3.70 -6.59
N LYS B 133 9.56 -3.91 -6.95
CA LYS B 133 9.94 -3.88 -8.35
C LYS B 133 9.27 -5.07 -9.02
N PHE B 134 9.10 -6.16 -8.26
CA PHE B 134 8.44 -7.39 -8.71
C PHE B 134 6.95 -7.15 -9.00
N LEU B 135 6.19 -6.66 -8.01
CA LEU B 135 4.76 -6.38 -8.23
C LEU B 135 4.53 -5.33 -9.36
N ALA B 136 5.39 -4.32 -9.45
CA ALA B 136 5.27 -3.31 -10.50
C ALA B 136 5.25 -3.97 -11.88
N VAL B 137 6.08 -5.01 -12.03
CA VAL B 137 6.17 -5.77 -13.26
C VAL B 137 4.90 -6.59 -13.49
N VAL B 138 4.46 -7.31 -12.46
CA VAL B 138 3.24 -8.12 -12.53
C VAL B 138 2.10 -7.19 -12.96
N VAL B 139 1.92 -6.10 -12.22
CA VAL B 139 0.86 -5.16 -12.52
C VAL B 139 0.88 -4.73 -13.99
N SER B 140 2.06 -4.41 -14.50
CA SER B 140 2.20 -3.97 -15.88
C SER B 140 1.86 -5.07 -16.86
N ALA B 141 2.27 -6.29 -16.53
CA ALA B 141 1.99 -7.45 -17.38
C ALA B 141 0.52 -7.88 -17.39
N LEU B 142 -0.22 -7.52 -16.34
CA LEU B 142 -1.63 -7.88 -16.21
C LEU B 142 -2.56 -7.02 -17.03
N GLY B 143 -2.15 -5.79 -17.31
CA GLY B 143 -3.04 -4.95 -18.06
C GLY B 143 -2.57 -4.71 -19.46
N ARG B 144 -3.44 -4.10 -20.27
CA ARG B 144 -3.11 -3.68 -21.61
C ARG B 144 -4.28 -3.32 -22.48
N GLN B 145 -4.87 -4.36 -23.04
CA GLN B 145 -5.99 -4.28 -23.97
C GLN B 145 -7.10 -3.25 -23.81
N TYR B 146 -7.27 -2.67 -22.63
CA TYR B 146 -8.38 -1.71 -22.45
C TYR B 146 -8.17 -0.33 -23.01
N HIS B 147 -7.00 0.18 -22.61
CA HIS B 147 -6.44 1.48 -22.95
C HIS B 147 -6.95 2.76 -22.27
#